data_5W0T
#
_entry.id   5W0T
#
_cell.length_a   56.351
_cell.length_b   56.351
_cell.length_c   206.707
_cell.angle_alpha   90.000
_cell.angle_beta   90.000
_cell.angle_gamma   120.000
#
_symmetry.space_group_name_H-M   'P 32 1 2'
#
loop_
_entity.id
_entity.type
_entity.pdbx_description
1 polymer 'Protein MSP1'
2 non-polymer 1,2-ETHANEDIOL
3 water water
#
_entity_poly.entity_id   1
_entity_poly.type   'polypeptide(L)'
_entity_poly.pdbx_seq_one_letter_code
;ASLQWEKLVKRSPALAEVTLDAYERTILSSIVTPDEINITFQDIGGLDPLISDLHESVIYPL(MSE)(MSE)PEVYSNSP
LLQAPSGVLLYGPPGCGKT(MSE)LAKALAKESGANFISIR(MSE)SSI(MSE)DKWYGESNKIVDA(MSE)FSLANKLQ
PCIIFIDEIDSFLRERSSTDHEVTATLKAEF(MSE)TLWDGLLNNGRV(MSE)IIGATNRINDIDDAFLRRLPKRFLVSL
PGSDQRYKILSVLLKDTKLDEDEFDLQLIADNTKGFSGSDLKELCREAALDAAKEYIKQKRQLIDSGTIDVNDTSSLKIR
PLKTKDFTSGLEVLFQ
;
_entity_poly.pdbx_strand_id   A
#
loop_
_chem_comp.id
_chem_comp.type
_chem_comp.name
_chem_comp.formula
EDO non-polymer 1,2-ETHANEDIOL 'C2 H6 O2'
#
# COMPACT_ATOMS: atom_id res chain seq x y z
N ALA A 1 -15.56 26.32 -10.98
CA ALA A 1 -14.59 26.30 -9.89
C ALA A 1 -13.59 27.43 -10.02
N SER A 2 -14.06 28.61 -10.46
CA SER A 2 -13.17 29.75 -10.62
C SER A 2 -12.65 30.25 -9.27
N LEU A 3 -13.43 30.06 -8.20
CA LEU A 3 -12.99 30.44 -6.87
C LEU A 3 -11.80 29.59 -6.43
N GLN A 4 -11.88 28.28 -6.64
CA GLN A 4 -10.76 27.40 -6.29
C GLN A 4 -9.50 27.77 -7.05
N TRP A 5 -9.63 28.09 -8.34
CA TRP A 5 -8.47 28.40 -9.16
C TRP A 5 -7.82 29.71 -8.75
N GLU A 6 -8.60 30.66 -8.23
CA GLU A 6 -8.02 31.94 -7.84
C GLU A 6 -7.13 31.82 -6.61
N LYS A 7 -7.46 30.91 -5.68
CA LYS A 7 -6.65 30.77 -4.49
C LYS A 7 -5.30 30.12 -4.82
N LEU A 8 -5.32 29.04 -5.61
CA LEU A 8 -4.08 28.39 -6.00
C LEU A 8 -3.21 29.30 -6.86
N VAL A 9 -3.82 30.26 -7.55
CA VAL A 9 -3.06 31.21 -8.34
C VAL A 9 -2.29 32.17 -7.43
N LYS A 10 -2.91 32.58 -6.32
CA LYS A 10 -2.26 33.53 -5.42
C LYS A 10 -1.16 32.87 -4.59
N ARG A 11 -1.28 31.57 -4.32
CA ARG A 11 -0.24 30.88 -3.56
C ARG A 11 1.06 30.82 -4.36
N SER A 12 0.99 30.37 -5.61
CA SER A 12 2.13 30.35 -6.52
C SER A 12 1.83 31.24 -7.72
N PRO A 13 2.49 32.39 -7.85
CA PRO A 13 2.11 33.33 -8.93
C PRO A 13 2.31 32.78 -10.34
N ALA A 14 3.15 31.75 -10.50
CA ALA A 14 3.38 31.19 -11.83
C ALA A 14 2.21 30.35 -12.32
N LEU A 15 1.21 30.10 -11.47
CA LEU A 15 0.10 29.23 -11.83
C LEU A 15 -0.95 29.95 -12.68
N ALA A 16 -1.01 31.27 -12.63
CA ALA A 16 -1.96 32.01 -13.46
C ALA A 16 -1.66 31.91 -14.94
N GLU A 17 -0.46 31.45 -15.31
CA GLU A 17 -0.09 31.25 -16.70
C GLU A 17 -0.37 29.83 -17.19
N VAL A 18 -1.07 29.02 -16.39
CA VAL A 18 -1.37 27.63 -16.71
C VAL A 18 -2.84 27.52 -17.08
N THR A 19 -3.15 26.65 -18.05
CA THR A 19 -4.50 26.47 -18.55
C THR A 19 -4.91 25.01 -18.37
N LEU A 20 -6.05 24.79 -17.72
CA LEU A 20 -6.60 23.45 -17.57
C LEU A 20 -7.47 23.11 -18.78
N ASP A 21 -7.73 21.82 -18.94
CA ASP A 21 -8.62 21.36 -19.99
C ASP A 21 -9.97 20.99 -19.39
N ALA A 22 -10.86 20.41 -20.19
CA ALA A 22 -12.22 20.16 -19.75
C ALA A 22 -12.27 19.13 -18.63
N TYR A 23 -11.47 18.06 -18.73
CA TYR A 23 -11.50 17.02 -17.71
C TYR A 23 -10.78 17.44 -16.44
N GLU A 24 -9.82 18.36 -16.53
CA GLU A 24 -9.08 18.79 -15.35
C GLU A 24 -9.87 19.77 -14.49
N ARG A 25 -10.81 20.50 -15.09
CA ARG A 25 -11.62 21.42 -14.30
C ARG A 25 -12.58 20.66 -13.38
N THR A 26 -13.12 19.54 -13.85
CA THR A 26 -14.06 18.77 -13.04
C THR A 26 -13.38 18.23 -11.78
N ILE A 27 -12.10 17.90 -11.86
CA ILE A 27 -11.36 17.39 -10.71
C ILE A 27 -10.85 18.52 -9.82
N LEU A 28 -10.86 19.77 -10.30
CA LEU A 28 -10.33 20.88 -9.52
C LEU A 28 -11.09 21.05 -8.19
N SER A 29 -12.35 20.62 -8.15
CA SER A 29 -13.10 20.67 -6.90
C SER A 29 -12.58 19.67 -5.87
N SER A 30 -11.94 18.60 -6.31
CA SER A 30 -11.46 17.55 -5.41
C SER A 30 -10.10 17.86 -4.80
N ILE A 31 -9.59 19.07 -4.99
CA ILE A 31 -8.27 19.46 -4.51
C ILE A 31 -8.40 20.12 -3.15
N VAL A 32 -7.58 19.69 -2.20
CA VAL A 32 -7.53 20.28 -0.87
C VAL A 32 -6.15 20.90 -0.69
N THR A 33 -6.13 22.19 -0.36
CA THR A 33 -4.89 22.94 -0.20
C THR A 33 -4.37 22.79 1.23
N PRO A 34 -3.08 23.02 1.45
CA PRO A 34 -2.52 22.83 2.80
C PRO A 34 -3.20 23.67 3.86
N ASP A 35 -3.66 24.88 3.53
CA ASP A 35 -4.33 25.70 4.52
C ASP A 35 -5.75 25.21 4.82
N GLU A 36 -6.28 24.29 4.04
CA GLU A 36 -7.58 23.69 4.34
C GLU A 36 -7.46 22.48 5.26
N ILE A 37 -6.34 21.75 5.19
CA ILE A 37 -6.09 20.68 6.14
C ILE A 37 -6.02 21.28 7.54
N ASN A 38 -6.58 20.56 8.51
CA ASN A 38 -6.68 21.06 9.87
C ASN A 38 -5.77 20.34 10.85
N ILE A 39 -5.19 19.20 10.46
CA ILE A 39 -4.46 18.34 11.38
C ILE A 39 -2.97 18.41 11.09
N THR A 40 -2.17 18.29 12.14
CA THR A 40 -0.72 18.26 12.08
C THR A 40 -0.20 16.99 12.76
N PHE A 41 1.12 16.85 12.82
CA PHE A 41 1.72 15.74 13.52
C PHE A 41 1.50 15.84 15.03
N GLN A 42 1.43 17.07 15.56
CA GLN A 42 1.23 17.26 16.99
C GLN A 42 -0.09 16.64 17.44
N ASP A 43 -1.12 16.71 16.60
CA ASP A 43 -2.42 16.17 16.94
C ASP A 43 -2.47 14.64 16.85
N ILE A 44 -1.39 13.99 16.44
CA ILE A 44 -1.34 12.54 16.29
C ILE A 44 -0.23 12.02 17.22
N GLY A 45 -0.62 11.22 18.20
CA GLY A 45 0.34 10.66 19.13
C GLY A 45 0.83 9.29 18.67
N GLY A 46 2.13 9.05 18.91
CA GLY A 46 2.74 7.80 18.53
C GLY A 46 3.54 7.83 17.24
N LEU A 47 3.73 9.00 16.64
CA LEU A 47 4.51 9.10 15.41
C LEU A 47 6.01 9.22 15.67
N ASP A 48 6.42 9.28 16.93
CA ASP A 48 7.84 9.41 17.27
C ASP A 48 8.75 8.41 16.57
N PRO A 49 8.42 7.13 16.44
CA PRO A 49 9.31 6.23 15.69
C PRO A 49 9.29 6.47 14.18
N LEU A 50 8.29 7.20 13.66
CA LEU A 50 8.14 7.38 12.23
C LEU A 50 8.52 8.76 11.73
N ILE A 51 8.67 9.74 12.62
CA ILE A 51 8.89 11.14 12.20
C ILE A 51 10.12 11.23 11.30
N SER A 52 11.23 10.62 11.71
CA SER A 52 12.46 10.71 10.94
C SER A 52 12.27 10.13 9.53
N ASP A 53 11.71 8.92 9.45
CA ASP A 53 11.55 8.28 8.14
C ASP A 53 10.50 9.00 7.29
N LEU A 54 9.47 9.58 7.92
CA LEU A 54 8.47 10.31 7.16
C LEU A 54 9.06 11.56 6.51
N HIS A 55 10.03 12.19 7.17
CA HIS A 55 10.67 13.36 6.59
C HIS A 55 11.54 12.98 5.40
N GLU A 56 12.39 11.96 5.57
CA GLU A 56 13.30 11.57 4.50
C GLU A 56 12.56 11.06 3.28
N SER A 57 11.39 10.47 3.46
CA SER A 57 10.68 9.83 2.37
C SER A 57 9.56 10.66 1.78
N VAL A 58 8.92 11.52 2.57
CA VAL A 58 7.75 12.25 2.09
C VAL A 58 7.97 13.75 2.20
N ILE A 59 8.25 14.23 3.41
CA ILE A 59 8.24 15.67 3.66
C ILE A 59 9.39 16.35 2.92
N TYR A 60 10.61 15.82 3.04
CA TYR A 60 11.75 16.45 2.38
C TYR A 60 11.61 16.48 0.86
N PRO A 61 11.24 15.38 0.18
CA PRO A 61 11.10 15.48 -1.29
C PRO A 61 10.08 16.49 -1.75
N LEU A 62 9.04 16.77 -0.95
CA LEU A 62 8.01 17.71 -1.37
C LEU A 62 8.41 19.15 -1.10
N MSE A 63 9.02 19.42 0.06
CA MSE A 63 9.44 20.79 0.39
C MSE A 63 10.70 21.19 -0.37
O MSE A 63 10.94 22.37 -0.63
CB MSE A 63 9.70 20.91 1.89
CG MSE A 63 8.46 21.13 2.74
SE MSE A 63 8.95 21.26 4.62
CE MSE A 63 8.50 23.13 4.94
N MSE A 64 11.49 20.18 -0.71
CA MSE A 64 12.83 20.39 -1.24
C MSE A 64 13.04 19.69 -2.58
O MSE A 64 14.01 18.94 -2.74
CB MSE A 64 13.85 19.90 -0.20
CG MSE A 64 15.27 20.36 -0.40
SE MSE A 64 16.44 19.44 0.87
CE MSE A 64 15.49 17.75 0.98
N PRO A 65 12.14 19.91 -3.55
CA PRO A 65 12.23 19.10 -4.78
C PRO A 65 13.43 19.45 -5.63
N GLU A 66 13.99 20.65 -5.46
CA GLU A 66 15.16 21.02 -6.25
C GLU A 66 16.35 20.12 -5.93
N VAL A 67 16.44 19.63 -4.69
CA VAL A 67 17.59 18.83 -4.29
C VAL A 67 17.50 17.43 -4.91
N TYR A 68 16.32 16.81 -4.83
CA TYR A 68 16.17 15.46 -5.39
C TYR A 68 16.27 15.47 -6.91
N SER A 69 15.89 16.57 -7.55
CA SER A 69 16.01 16.65 -9.00
C SER A 69 17.39 17.11 -9.45
N ASN A 70 18.22 17.61 -8.53
CA ASN A 70 19.60 18.00 -8.84
C ASN A 70 20.64 17.00 -8.36
N SER A 71 20.26 16.08 -7.47
CA SER A 71 21.20 15.13 -6.89
C SER A 71 20.95 13.74 -7.44
N PRO A 72 21.95 13.10 -8.07
CA PRO A 72 21.73 11.73 -8.54
C PRO A 72 21.56 10.72 -7.42
N LEU A 73 22.23 10.93 -6.29
CA LEU A 73 22.19 9.99 -5.17
C LEU A 73 20.93 10.11 -4.34
N LEU A 74 20.07 11.09 -4.63
CA LEU A 74 18.83 11.28 -3.87
C LEU A 74 17.64 11.14 -4.81
N GLN A 75 16.69 10.28 -4.44
CA GLN A 75 15.50 10.06 -5.22
C GLN A 75 14.28 10.00 -4.29
N ALA A 76 13.20 10.64 -4.71
CA ALA A 76 11.94 10.52 -3.99
C ALA A 76 11.30 9.17 -4.32
N PRO A 77 10.70 8.50 -3.33
N PRO A 77 10.72 8.50 -3.33
CA PRO A 77 10.11 7.19 -3.61
CA PRO A 77 10.04 7.23 -3.60
C PRO A 77 8.93 7.23 -4.54
C PRO A 77 8.88 7.41 -4.57
N SER A 78 8.21 8.36 -4.61
N SER A 78 8.66 6.39 -5.39
CA SER A 78 7.02 8.54 -5.45
CA SER A 78 7.52 6.39 -6.30
C SER A 78 5.92 7.53 -5.16
C SER A 78 6.20 6.46 -5.53
N GLY A 79 6.03 6.77 -4.06
N GLY A 79 6.04 5.58 -4.56
CA GLY A 79 5.05 5.77 -3.71
CA GLY A 79 4.85 5.59 -3.73
C GLY A 79 5.23 5.29 -2.29
C GLY A 79 5.18 5.24 -2.29
N VAL A 80 4.40 5.79 -1.38
CA VAL A 80 4.51 5.51 0.05
C VAL A 80 3.24 4.83 0.53
N LEU A 81 3.39 3.83 1.39
CA LEU A 81 2.28 3.08 1.94
C LEU A 81 2.22 3.25 3.45
N LEU A 82 1.07 3.69 3.96
CA LEU A 82 0.79 3.76 5.39
C LEU A 82 -0.17 2.64 5.73
N TYR A 83 0.24 1.72 6.60
CA TYR A 83 -0.59 0.58 6.94
C TYR A 83 -0.55 0.30 8.43
N GLY A 84 -1.59 -0.37 8.92
CA GLY A 84 -1.74 -0.69 10.31
C GLY A 84 -3.09 -1.35 10.56
N PRO A 85 -3.34 -1.77 11.79
CA PRO A 85 -4.63 -2.38 12.11
C PRO A 85 -5.75 -1.36 12.03
N PRO A 86 -7.00 -1.79 11.95
CA PRO A 86 -8.11 -0.84 11.95
C PRO A 86 -8.09 0.03 13.20
N GLY A 87 -8.30 1.32 13.00
CA GLY A 87 -8.28 2.28 14.09
C GLY A 87 -6.93 2.90 14.37
N CYS A 88 -5.98 2.81 13.44
CA CYS A 88 -4.66 3.40 13.63
C CYS A 88 -4.55 4.83 13.12
N GLY A 89 -5.56 5.33 12.43
CA GLY A 89 -5.53 6.69 11.94
C GLY A 89 -4.72 6.89 10.68
N LYS A 90 -4.83 5.96 9.72
CA LYS A 90 -4.03 6.07 8.51
C LYS A 90 -4.47 7.24 7.63
N THR A 91 -5.77 7.57 7.64
CA THR A 91 -6.26 8.62 6.75
C THR A 91 -5.86 10.00 7.26
N MSE A 92 -5.89 10.20 8.58
CA MSE A 92 -5.52 11.49 9.14
CA MSE A 92 -5.51 11.48 9.16
C MSE A 92 -4.01 11.69 9.10
O MSE A 92 -3.53 12.83 9.05
CB MSE A 92 -6.03 11.62 10.58
CB MSE A 92 -5.98 11.56 10.61
CG MSE A 92 -5.56 10.51 11.52
CG MSE A 92 -7.49 11.54 10.77
SE MSE A 92 -6.18 10.77 13.36
SE MSE A 92 -8.01 11.65 12.63
CE MSE A 92 -8.07 11.05 13.03
CE MSE A 92 -7.22 9.99 13.27
N LEU A 93 -3.26 10.59 9.10
CA LEU A 93 -1.80 10.69 9.00
C LEU A 93 -1.38 11.16 7.62
N ALA A 94 -2.10 10.74 6.58
CA ALA A 94 -1.80 11.21 5.23
C ALA A 94 -2.14 12.69 5.09
N LYS A 95 -3.21 13.14 5.74
CA LYS A 95 -3.55 14.56 5.70
C LYS A 95 -2.53 15.39 6.48
N ALA A 96 -2.06 14.87 7.60
CA ALA A 96 -0.99 15.56 8.32
C ALA A 96 0.27 15.63 7.47
N LEU A 97 0.60 14.55 6.76
CA LEU A 97 1.75 14.56 5.86
C LEU A 97 1.61 15.63 4.80
N ALA A 98 0.40 15.82 4.26
CA ALA A 98 0.20 16.83 3.22
C ALA A 98 0.37 18.24 3.79
N LYS A 99 -0.17 18.48 4.99
CA LYS A 99 -0.06 19.82 5.58
C LYS A 99 1.35 20.09 6.08
N GLU A 100 2.01 19.09 6.67
CA GLU A 100 3.36 19.28 7.18
C GLU A 100 4.35 19.61 6.09
N SER A 101 4.07 19.21 4.84
CA SER A 101 4.97 19.44 3.72
C SER A 101 4.46 20.53 2.77
N GLY A 102 3.37 21.20 3.11
CA GLY A 102 2.87 22.29 2.28
C GLY A 102 2.48 21.88 0.88
N ALA A 103 2.06 20.64 0.69
CA ALA A 103 1.68 20.13 -0.62
C ALA A 103 0.17 20.02 -0.75
N ASN A 104 -0.32 20.09 -1.98
CA ASN A 104 -1.74 19.88 -2.24
C ASN A 104 -2.09 18.41 -2.03
N PHE A 105 -3.39 18.17 -1.83
CA PHE A 105 -3.88 16.86 -1.43
C PHE A 105 -5.12 16.52 -2.24
N ILE A 106 -5.05 15.46 -3.03
CA ILE A 106 -6.18 14.99 -3.81
C ILE A 106 -6.48 13.54 -3.40
N SER A 107 -7.72 13.28 -3.01
CA SER A 107 -8.16 11.98 -2.54
C SER A 107 -9.00 11.33 -3.64
N ILE A 108 -8.47 10.28 -4.23
CA ILE A 108 -9.18 9.56 -5.29
C ILE A 108 -10.22 8.65 -4.67
N ARG A 109 -11.45 8.76 -5.14
CA ARG A 109 -12.50 7.81 -4.82
C ARG A 109 -12.91 7.17 -6.15
N MSE A 110 -12.27 6.05 -6.47
CA MSE A 110 -12.43 5.42 -7.78
C MSE A 110 -13.87 5.07 -8.04
O MSE A 110 -14.36 5.18 -9.18
CB MSE A 110 -11.55 4.18 -7.89
CG MSE A 110 -11.35 3.69 -9.31
SE MSE A 110 -10.32 4.96 -10.38
CE MSE A 110 -11.53 5.17 -11.88
N SER A 111 -14.58 4.65 -7.00
CA SER A 111 -16.01 4.38 -7.11
C SER A 111 -16.77 5.65 -7.49
N SER A 112 -16.42 6.78 -6.88
CA SER A 112 -17.05 8.04 -7.24
C SER A 112 -16.68 8.44 -8.68
N ILE A 113 -15.48 8.08 -9.12
CA ILE A 113 -15.08 8.36 -10.49
C ILE A 113 -15.78 7.41 -11.46
N MSE A 114 -15.76 6.12 -11.16
CA MSE A 114 -16.37 5.11 -12.04
C MSE A 114 -17.88 5.29 -12.18
O MSE A 114 -18.42 5.14 -13.28
CB MSE A 114 -16.07 3.70 -11.52
CG MSE A 114 -14.62 3.26 -11.67
SE MSE A 114 -14.47 1.44 -12.34
CE MSE A 114 -15.34 1.67 -14.07
N ASP A 115 -18.54 5.58 -11.07
CA ASP A 115 -19.99 5.72 -11.08
C ASP A 115 -20.44 6.93 -11.89
N LYS A 116 -19.60 7.97 -11.97
CA LYS A 116 -19.97 9.17 -12.70
C LYS A 116 -19.61 9.08 -14.18
N TRP A 117 -18.53 8.38 -14.51
CA TRP A 117 -17.97 8.41 -15.86
C TRP A 117 -18.03 7.08 -16.60
N TYR A 118 -18.00 5.95 -15.89
CA TYR A 118 -18.03 4.61 -16.46
C TYR A 118 -16.86 4.40 -17.43
N GLY A 119 -17.12 4.42 -18.74
CA GLY A 119 -16.05 4.17 -19.71
C GLY A 119 -15.11 5.34 -19.90
N GLU A 120 -15.59 6.56 -19.61
CA GLU A 120 -14.77 7.76 -19.68
C GLU A 120 -13.90 7.96 -18.43
N SER A 121 -13.87 6.98 -17.53
CA SER A 121 -13.16 7.18 -16.27
C SER A 121 -11.66 7.26 -16.48
N ASN A 122 -11.12 6.60 -17.51
CA ASN A 122 -9.68 6.64 -17.75
C ASN A 122 -9.21 8.06 -18.11
N LYS A 123 -10.06 8.85 -18.77
CA LYS A 123 -9.70 10.24 -19.03
C LYS A 123 -9.68 11.06 -17.76
N ILE A 124 -10.51 10.70 -16.78
CA ILE A 124 -10.48 11.39 -15.49
C ILE A 124 -9.22 11.00 -14.72
N VAL A 125 -8.84 9.72 -14.77
CA VAL A 125 -7.60 9.30 -14.13
C VAL A 125 -6.40 9.96 -14.79
N ASP A 126 -6.44 10.11 -16.12
CA ASP A 126 -5.33 10.74 -16.82
C ASP A 126 -5.26 12.23 -16.52
N ALA A 127 -6.41 12.91 -16.51
CA ALA A 127 -6.44 14.35 -16.22
C ALA A 127 -6.11 14.66 -14.77
N MSE A 128 -5.99 13.65 -13.93
CA MSE A 128 -5.73 13.84 -12.51
C MSE A 128 -4.22 13.78 -12.23
O MSE A 128 -3.71 14.48 -11.35
CB MSE A 128 -6.48 12.78 -11.70
CG MSE A 128 -6.17 12.71 -10.23
SE MSE A 128 -6.93 11.06 -9.53
CE MSE A 128 -5.98 9.84 -10.69
N PHE A 129 -3.49 12.96 -13.00
CA PHE A 129 -2.03 12.97 -12.89
C PHE A 129 -1.45 14.26 -13.48
N SER A 130 -2.04 14.75 -14.56
CA SER A 130 -1.59 16.02 -15.14
C SER A 130 -1.93 17.18 -14.22
N LEU A 131 -3.11 17.15 -13.60
CA LEU A 131 -3.50 18.21 -12.67
C LEU A 131 -2.61 18.21 -11.44
N ALA A 132 -2.28 17.02 -10.92
CA ALA A 132 -1.34 16.93 -9.81
C ALA A 132 0.05 17.40 -10.21
N ASN A 133 0.42 17.19 -11.48
CA ASN A 133 1.70 17.66 -11.97
C ASN A 133 1.73 19.18 -12.08
N LYS A 134 0.59 19.79 -12.44
CA LYS A 134 0.53 21.24 -12.54
C LYS A 134 0.47 21.89 -11.16
N LEU A 135 -0.31 21.31 -10.24
CA LEU A 135 -0.43 21.81 -8.88
C LEU A 135 0.64 21.25 -7.95
N GLN A 136 1.83 21.01 -8.47
CA GLN A 136 2.92 20.48 -7.66
C GLN A 136 3.39 21.54 -6.65
N PRO A 137 3.76 21.13 -5.43
CA PRO A 137 3.77 19.75 -4.94
C PRO A 137 2.39 19.22 -4.59
N CYS A 138 2.08 18.02 -5.07
CA CYS A 138 0.74 17.46 -4.89
C CYS A 138 0.86 16.00 -4.45
N ILE A 139 0.10 15.63 -3.42
CA ILE A 139 0.05 14.26 -2.93
C ILE A 139 -1.21 13.60 -3.49
N ILE A 140 -1.00 12.55 -4.28
CA ILE A 140 -2.10 11.71 -4.77
C ILE A 140 -2.37 10.65 -3.71
N PHE A 141 -3.49 10.76 -3.02
CA PHE A 141 -3.82 9.86 -1.91
C PHE A 141 -4.79 8.79 -2.37
N ILE A 142 -4.47 7.54 -2.08
CA ILE A 142 -5.31 6.39 -2.41
C ILE A 142 -5.60 5.65 -1.11
N ASP A 143 -6.79 5.86 -0.56
CA ASP A 143 -7.21 5.20 0.66
C ASP A 143 -7.85 3.85 0.33
N GLU A 144 -7.73 2.91 1.27
CA GLU A 144 -8.24 1.54 1.09
C GLU A 144 -7.71 0.95 -0.21
N ILE A 145 -6.40 1.09 -0.42
CA ILE A 145 -5.75 0.74 -1.68
C ILE A 145 -5.87 -0.75 -1.99
N ASP A 146 -6.19 -1.59 -0.99
CA ASP A 146 -6.37 -3.01 -1.24
C ASP A 146 -7.54 -3.28 -2.17
N SER A 147 -8.58 -2.46 -2.11
CA SER A 147 -9.75 -2.60 -2.96
C SER A 147 -9.70 -1.72 -4.20
N PHE A 148 -8.63 -0.92 -4.35
CA PHE A 148 -8.53 0.00 -5.48
C PHE A 148 -8.47 -0.78 -6.79
N LEU A 149 -9.45 -0.52 -7.66
CA LEU A 149 -9.61 -1.23 -8.93
C LEU A 149 -9.75 -2.74 -8.69
N ARG A 150 -10.77 -3.09 -7.91
CA ARG A 150 -11.08 -4.48 -7.59
C ARG A 150 -9.89 -5.19 -6.96
N HIS A 157 -14.95 -5.86 -14.28
CA HIS A 157 -14.38 -7.12 -14.78
C HIS A 157 -13.23 -6.83 -15.74
N GLU A 158 -13.48 -7.03 -17.03
CA GLU A 158 -12.45 -6.75 -18.04
C GLU A 158 -12.22 -5.27 -18.22
N VAL A 159 -13.19 -4.42 -17.86
CA VAL A 159 -12.99 -2.98 -17.97
C VAL A 159 -12.13 -2.47 -16.81
N THR A 160 -12.25 -3.07 -15.63
CA THR A 160 -11.43 -2.67 -14.50
C THR A 160 -9.97 -3.05 -14.69
N ALA A 161 -9.67 -4.00 -15.59
CA ALA A 161 -8.29 -4.33 -15.89
C ALA A 161 -7.65 -3.31 -16.80
N THR A 162 -8.43 -2.72 -17.71
CA THR A 162 -7.91 -1.66 -18.56
C THR A 162 -7.49 -0.45 -17.75
N LEU A 163 -8.23 -0.13 -16.68
CA LEU A 163 -7.89 1.00 -15.84
C LEU A 163 -6.61 0.74 -15.06
N LYS A 164 -6.39 -0.51 -14.63
CA LYS A 164 -5.16 -0.84 -13.92
C LYS A 164 -3.94 -0.59 -14.80
N ALA A 165 -3.94 -1.19 -16.00
CA ALA A 165 -2.81 -1.03 -16.91
C ALA A 165 -2.58 0.44 -17.25
N GLU A 166 -3.66 1.23 -17.32
CA GLU A 166 -3.51 2.65 -17.57
C GLU A 166 -2.94 3.37 -16.35
N PHE A 167 -3.46 3.05 -15.17
CA PHE A 167 -3.01 3.73 -13.95
C PHE A 167 -1.54 3.42 -13.68
N MSE A 168 -1.11 2.19 -13.90
CA MSE A 168 0.28 1.80 -13.70
CA MSE A 168 0.28 1.84 -13.64
C MSE A 168 1.20 2.59 -14.61
O MSE A 168 2.29 3.01 -14.22
CB MSE A 168 0.48 0.30 -13.96
CB MSE A 168 0.49 0.33 -13.73
CG MSE A 168 -0.34 -0.58 -13.05
CG MSE A 168 -0.35 -0.46 -12.73
SE MSE A 168 -0.36 0.09 -11.23
SE MSE A 168 0.38 -2.20 -12.19
CE MSE A 168 -0.32 -1.61 -10.33
CE MSE A 168 0.56 -3.08 -13.92
N THR A 169 0.75 2.78 -15.85
CA THR A 169 1.52 3.57 -16.81
C THR A 169 1.67 5.01 -16.32
N LEU A 170 0.61 5.56 -15.74
CA LEU A 170 0.68 6.90 -15.19
C LEU A 170 1.53 6.94 -13.92
N TRP A 171 1.45 5.89 -13.09
CA TRP A 171 2.25 5.84 -11.88
C TRP A 171 3.74 5.79 -12.20
N ASP A 172 4.12 4.98 -13.19
CA ASP A 172 5.52 4.96 -13.61
C ASP A 172 5.90 6.23 -14.35
N GLY A 173 4.93 7.01 -14.83
CA GLY A 173 5.25 8.23 -15.55
C GLY A 173 5.79 9.33 -14.65
N LEU A 174 5.33 9.40 -13.41
CA LEU A 174 5.77 10.42 -12.47
C LEU A 174 7.02 10.00 -11.70
N LEU A 175 7.71 8.95 -12.13
CA LEU A 175 8.99 8.61 -11.53
C LEU A 175 9.96 9.79 -11.61
N ASN A 176 10.09 10.38 -12.81
CA ASN A 176 10.88 11.58 -12.99
C ASN A 176 10.06 12.80 -12.59
N ASN A 177 9.76 12.85 -11.28
CA ASN A 177 8.91 13.91 -10.74
C ASN A 177 8.97 13.89 -9.22
N GLY A 178 9.90 14.65 -8.65
CA GLY A 178 10.00 14.74 -7.21
C GLY A 178 8.85 15.48 -6.56
N ARG A 179 8.04 16.18 -7.36
CA ARG A 179 7.01 17.04 -6.80
C ARG A 179 5.62 16.38 -6.76
N VAL A 180 5.47 15.18 -7.30
CA VAL A 180 4.21 14.45 -7.26
C VAL A 180 4.43 13.14 -6.55
N MSE A 181 3.62 12.87 -5.53
CA MSE A 181 3.76 11.65 -4.75
C MSE A 181 2.43 10.95 -4.58
O MSE A 181 1.39 11.59 -4.42
CB MSE A 181 4.35 11.97 -3.38
CG MSE A 181 4.81 10.76 -2.60
SE MSE A 181 6.35 11.24 -1.53
CE MSE A 181 7.52 11.79 -2.98
N ILE A 182 2.47 9.62 -4.63
CA ILE A 182 1.30 8.78 -4.39
C ILE A 182 1.45 8.15 -3.01
N ILE A 183 0.49 8.37 -2.15
CA ILE A 183 0.48 7.81 -0.80
C ILE A 183 -0.73 6.90 -0.67
N GLY A 184 -0.48 5.62 -0.40
CA GLY A 184 -1.53 4.65 -0.21
C GLY A 184 -1.72 4.32 1.27
N ALA A 185 -2.95 3.95 1.62
CA ALA A 185 -3.29 3.60 2.99
C ALA A 185 -4.15 2.35 2.97
N THR A 186 -3.99 1.50 3.99
CA THR A 186 -4.72 0.25 4.02
C THR A 186 -4.76 -0.32 5.43
N ASN A 187 -5.80 -1.08 5.70
CA ASN A 187 -5.87 -1.93 6.89
C ASN A 187 -5.56 -3.39 6.57
N ARG A 188 -5.60 -3.77 5.29
CA ARG A 188 -5.35 -5.14 4.83
C ARG A 188 -4.15 -5.09 3.89
N ILE A 189 -2.94 -5.10 4.45
CA ILE A 189 -1.74 -5.03 3.63
C ILE A 189 -1.54 -6.33 2.86
N ASN A 190 -1.98 -7.47 3.43
CA ASN A 190 -1.82 -8.74 2.74
C ASN A 190 -2.75 -8.87 1.54
N ASP A 191 -3.80 -8.06 1.46
CA ASP A 191 -4.72 -8.10 0.34
C ASP A 191 -4.37 -7.10 -0.75
N ILE A 192 -3.28 -6.35 -0.60
CA ILE A 192 -2.88 -5.40 -1.63
C ILE A 192 -2.41 -6.17 -2.86
N ASP A 193 -2.90 -5.76 -4.03
CA ASP A 193 -2.44 -6.33 -5.29
C ASP A 193 -0.92 -6.27 -5.38
N ASP A 194 -0.32 -7.38 -5.80
CA ASP A 194 1.15 -7.44 -5.88
C ASP A 194 1.71 -6.38 -6.83
N ALA A 195 0.95 -6.01 -7.86
CA ALA A 195 1.42 -4.99 -8.77
C ALA A 195 1.45 -3.61 -8.11
N PHE A 196 0.62 -3.40 -7.08
CA PHE A 196 0.74 -2.19 -6.28
C PHE A 196 1.98 -2.25 -5.38
N LEU A 197 2.13 -3.35 -4.63
CA LEU A 197 3.22 -3.46 -3.67
C LEU A 197 4.58 -3.28 -4.32
N ARG A 198 4.73 -3.70 -5.58
CA ARG A 198 5.97 -3.47 -6.29
C ARG A 198 6.26 -1.98 -6.46
N ARG A 199 5.23 -1.13 -6.41
CA ARG A 199 5.38 0.30 -6.58
C ARG A 199 5.29 1.07 -5.26
N LEU A 200 5.22 0.38 -4.13
CA LEU A 200 5.29 1.01 -2.82
C LEU A 200 6.59 0.61 -2.11
N PRO A 201 7.72 1.20 -2.48
CA PRO A 201 8.99 0.80 -1.84
C PRO A 201 9.05 1.17 -0.36
N LYS A 202 8.48 2.31 0.01
CA LYS A 202 8.47 2.75 1.40
C LYS A 202 7.14 2.43 2.04
N ARG A 203 7.17 1.71 3.16
CA ARG A 203 5.98 1.31 3.89
C ARG A 203 6.18 1.62 5.36
N PHE A 204 5.22 2.28 5.97
CA PHE A 204 5.32 2.78 7.33
C PHE A 204 4.29 2.08 8.20
N LEU A 205 4.75 1.36 9.22
CA LEU A 205 3.87 0.68 10.15
C LEU A 205 3.37 1.68 11.18
N VAL A 206 2.11 2.08 11.05
CA VAL A 206 1.55 3.11 11.94
C VAL A 206 1.45 2.58 13.37
N SER A 207 0.87 1.40 13.55
CA SER A 207 0.77 0.77 14.85
C SER A 207 0.68 -0.74 14.67
N LEU A 208 0.67 -1.47 15.79
CA LEU A 208 0.66 -2.93 15.76
C LEU A 208 -0.75 -3.47 16.04
N PRO A 209 -1.09 -4.62 15.46
CA PRO A 209 -2.40 -5.21 15.73
C PRO A 209 -2.43 -5.93 17.06
N GLY A 210 -3.57 -5.82 17.75
CA GLY A 210 -3.76 -6.51 19.00
C GLY A 210 -4.03 -7.99 18.80
N SER A 211 -4.17 -8.69 19.92
CA SER A 211 -4.37 -10.15 19.85
C SER A 211 -5.63 -10.50 19.07
N ASP A 212 -6.72 -9.76 19.26
CA ASP A 212 -7.93 -10.03 18.52
C ASP A 212 -7.76 -9.75 17.03
N GLN A 213 -7.03 -8.69 16.69
CA GLN A 213 -6.81 -8.38 15.27
C GLN A 213 -5.87 -9.39 14.62
N ARG A 214 -4.84 -9.83 15.35
CA ARG A 214 -3.97 -10.88 14.83
C ARG A 214 -4.72 -12.18 14.64
N TYR A 215 -5.76 -12.42 15.44
CA TYR A 215 -6.60 -13.60 15.26
C TYR A 215 -7.29 -13.57 13.91
N LYS A 216 -7.92 -12.43 13.57
CA LYS A 216 -8.66 -12.33 12.32
C LYS A 216 -7.71 -12.36 11.13
N ILE A 217 -6.53 -11.76 11.26
CA ILE A 217 -5.56 -11.75 10.16
C ILE A 217 -5.15 -13.18 9.82
N LEU A 218 -4.79 -13.97 10.84
CA LEU A 218 -4.45 -15.37 10.63
C LEU A 218 -5.63 -16.16 10.08
N SER A 219 -6.86 -15.80 10.47
CA SER A 219 -8.03 -16.51 9.97
C SER A 219 -8.20 -16.32 8.48
N VAL A 220 -8.02 -15.08 7.99
CA VAL A 220 -8.15 -14.82 6.55
C VAL A 220 -6.99 -15.44 5.80
N LEU A 221 -5.78 -15.39 6.38
CA LEU A 221 -4.61 -15.95 5.70
C LEU A 221 -4.74 -17.46 5.52
N LEU A 222 -5.32 -18.14 6.49
CA LEU A 222 -5.43 -19.59 6.49
C LEU A 222 -6.82 -20.08 6.07
N LYS A 223 -7.59 -19.23 5.37
CA LYS A 223 -8.98 -19.59 5.09
C LYS A 223 -9.09 -20.67 4.02
N ASP A 224 -8.08 -20.76 3.12
CA ASP A 224 -8.07 -21.77 2.07
C ASP A 224 -6.99 -22.82 2.30
N THR A 225 -6.37 -22.83 3.47
CA THR A 225 -5.31 -23.77 3.80
C THR A 225 -5.86 -24.87 4.68
N LYS A 226 -5.43 -26.11 4.41
CA LYS A 226 -5.90 -27.25 5.19
C LYS A 226 -5.22 -27.28 6.55
N LEU A 227 -6.01 -27.14 7.60
CA LEU A 227 -5.51 -27.17 8.96
C LEU A 227 -5.82 -28.52 9.61
N ASP A 228 -5.06 -28.86 10.65
CA ASP A 228 -5.23 -30.13 11.30
C ASP A 228 -6.47 -30.12 12.20
N GLU A 229 -7.24 -31.21 12.14
CA GLU A 229 -8.48 -31.28 12.91
C GLU A 229 -8.20 -31.37 14.41
N ASP A 230 -7.12 -32.06 14.79
CA ASP A 230 -6.74 -32.19 16.19
C ASP A 230 -5.66 -31.20 16.59
N GLU A 231 -4.53 -31.20 15.87
CA GLU A 231 -3.34 -30.45 16.28
C GLU A 231 -3.29 -29.11 15.56
N PHE A 232 -4.26 -28.25 15.87
CA PHE A 232 -4.20 -26.87 15.43
C PHE A 232 -4.89 -25.99 16.46
N ASP A 233 -4.33 -24.81 16.71
CA ASP A 233 -4.82 -23.92 17.76
C ASP A 233 -4.61 -22.48 17.28
N LEU A 234 -5.66 -21.88 16.73
CA LEU A 234 -5.57 -20.48 16.28
C LEU A 234 -5.31 -19.54 17.45
N GLN A 235 -6.06 -19.69 18.54
CA GLN A 235 -5.98 -18.74 19.64
C GLN A 235 -4.59 -18.72 20.27
N LEU A 236 -3.95 -19.88 20.40
CA LEU A 236 -2.61 -19.92 20.96
C LEU A 236 -1.62 -19.19 20.06
N ILE A 237 -1.75 -19.37 18.74
CA ILE A 237 -0.84 -18.70 17.81
C ILE A 237 -1.07 -17.20 17.83
N ALA A 238 -2.34 -16.77 17.88
CA ALA A 238 -2.63 -15.34 17.89
C ALA A 238 -2.18 -14.69 19.20
N ASP A 239 -2.26 -15.41 20.31
CA ASP A 239 -1.84 -14.84 21.59
C ASP A 239 -0.34 -14.71 21.71
N ASN A 240 0.43 -15.51 20.98
CA ASN A 240 1.89 -15.52 21.07
C ASN A 240 2.55 -14.94 19.83
N THR A 241 1.87 -14.01 19.16
CA THR A 241 2.45 -13.28 18.03
C THR A 241 2.41 -11.78 18.26
N LYS A 242 2.53 -11.34 19.52
CA LYS A 242 2.60 -9.92 19.79
C LYS A 242 3.83 -9.32 19.13
N GLY A 243 3.68 -8.10 18.62
CA GLY A 243 4.72 -7.49 17.82
C GLY A 243 4.70 -7.86 16.36
N PHE A 244 3.89 -8.85 15.97
CA PHE A 244 3.73 -9.20 14.56
C PHE A 244 2.76 -8.22 13.90
N SER A 245 3.13 -7.75 12.71
CA SER A 245 2.21 -6.95 11.91
C SER A 245 1.37 -7.88 11.04
N GLY A 246 0.52 -7.29 10.20
CA GLY A 246 -0.24 -8.09 9.25
C GLY A 246 0.65 -8.80 8.26
N SER A 247 1.71 -8.12 7.79
CA SER A 247 2.65 -8.72 6.86
C SER A 247 3.63 -9.66 7.54
N ASP A 248 3.85 -9.51 8.84
CA ASP A 248 4.67 -10.47 9.57
C ASP A 248 3.92 -11.77 9.79
N LEU A 249 2.62 -11.69 10.04
CA LEU A 249 1.81 -12.90 10.20
C LEU A 249 1.71 -13.68 8.90
N LYS A 250 1.73 -12.99 7.75
CA LYS A 250 1.75 -13.68 6.47
C LYS A 250 3.05 -14.44 6.27
N GLU A 251 4.17 -13.87 6.76
CA GLU A 251 5.44 -14.58 6.67
C GLU A 251 5.46 -15.78 7.60
N LEU A 252 4.76 -15.71 8.74
CA LEU A 252 4.66 -16.85 9.63
C LEU A 252 3.90 -17.99 8.96
N CYS A 253 2.79 -17.67 8.29
CA CYS A 253 2.05 -18.69 7.55
C CYS A 253 2.88 -19.23 6.40
N ARG A 254 3.69 -18.38 5.77
CA ARG A 254 4.57 -18.85 4.71
C ARG A 254 5.62 -19.81 5.25
N GLU A 255 6.18 -19.52 6.42
CA GLU A 255 7.15 -20.42 7.03
C GLU A 255 6.50 -21.73 7.45
N ALA A 256 5.27 -21.68 7.97
CA ALA A 256 4.59 -22.90 8.39
C ALA A 256 4.35 -23.82 7.20
N ALA A 257 3.77 -23.28 6.12
CA ALA A 257 3.57 -24.07 4.91
C ALA A 257 4.89 -24.57 4.35
N LEU A 258 5.99 -23.84 4.56
CA LEU A 258 7.28 -24.27 4.07
C LEU A 258 7.77 -25.51 4.83
N ASP A 259 7.50 -25.56 6.15
CA ASP A 259 7.92 -26.72 6.93
C ASP A 259 7.23 -27.99 6.46
N ALA A 260 5.93 -27.92 6.19
CA ALA A 260 5.21 -29.08 5.68
C ALA A 260 5.69 -29.45 4.28
N ALA A 261 5.92 -28.45 3.43
CA ALA A 261 6.39 -28.73 2.08
C ALA A 261 7.77 -29.37 2.09
N LYS A 262 8.58 -29.09 3.11
CA LYS A 262 9.89 -29.73 3.22
C LYS A 262 9.75 -31.22 3.51
N GLU A 263 8.84 -31.58 4.42
CA GLU A 263 8.56 -33.00 4.65
C GLU A 263 8.02 -33.66 3.39
N TYR A 264 7.20 -32.93 2.62
CA TYR A 264 6.65 -33.47 1.38
C TYR A 264 7.76 -33.82 0.40
N ILE A 265 8.63 -32.85 0.09
CA ILE A 265 9.69 -33.07 -0.89
C ILE A 265 10.75 -34.02 -0.35
N LYS A 266 10.85 -34.18 0.97
CA LYS A 266 11.79 -35.15 1.52
C LYS A 266 11.29 -36.57 1.30
N GLN A 267 10.00 -36.79 1.54
CA GLN A 267 9.43 -38.11 1.29
C GLN A 267 9.27 -38.37 -0.20
N LYS A 268 9.04 -37.34 -1.00
CA LYS A 268 8.96 -37.53 -2.45
C LYS A 268 10.31 -37.98 -2.99
N ARG A 269 11.39 -37.33 -2.57
CA ARG A 269 12.73 -37.76 -2.98
C ARG A 269 13.04 -39.17 -2.47
N GLN A 270 12.60 -39.49 -1.26
CA GLN A 270 12.85 -40.82 -0.71
C GLN A 270 12.18 -41.89 -1.56
N LEU A 271 11.00 -41.60 -2.11
CA LEU A 271 10.31 -42.56 -2.95
C LEU A 271 10.95 -42.67 -4.33
N ILE A 272 11.42 -41.55 -4.88
CA ILE A 272 12.05 -41.58 -6.20
C ILE A 272 13.46 -42.19 -6.11
N ASP A 273 14.23 -41.81 -5.08
CA ASP A 273 15.58 -42.31 -4.95
C ASP A 273 15.64 -43.78 -4.51
N SER A 274 14.54 -44.31 -3.98
CA SER A 274 14.45 -45.74 -3.66
C SER A 274 13.77 -46.54 -4.76
N GLY A 275 13.56 -45.93 -5.92
CA GLY A 275 12.93 -46.62 -7.04
C GLY A 275 11.48 -46.98 -6.83
N THR A 276 10.83 -46.40 -5.81
CA THR A 276 9.46 -46.77 -5.48
C THR A 276 8.48 -46.25 -6.51
N ILE A 277 8.66 -45.01 -6.96
CA ILE A 277 7.71 -44.37 -7.89
C ILE A 277 8.47 -43.74 -9.05
N ASP A 278 7.72 -43.48 -10.12
CA ASP A 278 8.21 -42.74 -11.27
C ASP A 278 8.40 -41.27 -10.91
N VAL A 279 9.21 -40.58 -11.71
CA VAL A 279 9.45 -39.16 -11.50
C VAL A 279 8.15 -38.37 -11.68
N ASN A 280 7.44 -38.62 -12.79
CA ASN A 280 6.14 -38.00 -13.04
C ASN A 280 4.98 -38.76 -12.42
N ASP A 281 5.25 -39.81 -11.66
CA ASP A 281 4.19 -40.58 -11.03
C ASP A 281 3.40 -39.71 -10.06
N THR A 282 2.08 -39.67 -10.23
CA THR A 282 1.22 -39.12 -9.20
C THR A 282 1.02 -40.18 -8.13
N SER A 283 1.44 -39.89 -6.90
CA SER A 283 1.38 -40.89 -5.86
C SER A 283 0.57 -40.42 -4.66
N SER A 284 0.76 -41.08 -3.54
CA SER A 284 0.01 -40.74 -2.35
C SER A 284 0.45 -39.40 -1.75
N LEU A 285 1.33 -38.64 -2.41
CA LEU A 285 1.95 -37.46 -1.83
C LEU A 285 1.01 -36.26 -1.94
N LYS A 286 0.54 -35.78 -0.80
CA LYS A 286 -0.29 -34.58 -0.70
C LYS A 286 0.28 -33.72 0.42
N ILE A 287 0.46 -32.42 0.16
CA ILE A 287 1.03 -31.55 1.18
C ILE A 287 0.14 -31.61 2.42
N ARG A 288 0.76 -31.91 3.55
CA ARG A 288 0.02 -32.29 4.75
C ARG A 288 -0.63 -31.08 5.40
N PRO A 289 -1.71 -31.30 6.16
CA PRO A 289 -2.35 -30.18 6.87
C PRO A 289 -1.39 -29.55 7.88
N LEU A 290 -1.47 -28.23 8.01
CA LEU A 290 -0.60 -27.50 8.93
C LEU A 290 -0.97 -27.82 10.37
N LYS A 291 0.02 -27.71 11.25
CA LYS A 291 -0.16 -27.95 12.67
C LYS A 291 0.26 -26.73 13.47
N THR A 292 -0.05 -26.76 14.77
CA THR A 292 0.36 -25.67 15.66
C THR A 292 1.87 -25.56 15.72
N LYS A 293 2.57 -26.69 15.65
CA LYS A 293 4.02 -26.66 15.81
C LYS A 293 4.70 -25.94 14.67
N ASP A 294 4.12 -25.96 13.47
CA ASP A 294 4.72 -25.29 12.32
C ASP A 294 4.77 -23.78 12.53
N PHE A 295 3.79 -23.22 13.25
CA PHE A 295 3.79 -21.79 13.52
C PHE A 295 4.65 -21.44 14.72
N THR A 296 4.63 -22.29 15.75
CA THR A 296 5.48 -22.05 16.91
C THR A 296 6.97 -22.25 16.58
N SER A 297 7.28 -23.15 15.64
CA SER A 297 8.67 -23.39 15.27
C SER A 297 9.16 -22.45 14.19
N GLY A 298 8.30 -21.61 13.63
CA GLY A 298 8.74 -20.60 12.68
C GLY A 298 8.54 -19.19 13.17
N LEU A 299 8.49 -19.00 14.49
CA LEU A 299 8.17 -17.69 15.05
C LEU A 299 9.29 -16.67 14.86
N GLU A 300 10.52 -17.12 14.62
CA GLU A 300 11.63 -16.18 14.45
C GLU A 300 11.70 -15.60 13.04
N VAL A 301 10.67 -15.80 12.22
CA VAL A 301 10.63 -15.16 10.91
C VAL A 301 10.40 -13.66 11.04
N LEU A 302 9.89 -13.21 12.19
CA LEU A 302 9.64 -11.79 12.40
C LEU A 302 10.92 -10.97 12.31
N PHE A 303 12.04 -11.53 12.77
CA PHE A 303 13.32 -10.83 12.80
C PHE A 303 14.13 -10.98 11.53
N GLN A 304 13.54 -11.53 10.47
CA GLN A 304 14.24 -11.70 9.21
C GLN A 304 13.71 -10.71 8.16
C1 EDO B . 6.85 -5.11 5.39
O1 EDO B . 6.52 -3.80 5.85
C2 EDO B . 6.53 -5.23 3.90
O2 EDO B . 5.14 -4.93 3.70
C1 EDO C . -5.60 -10.02 6.04
O1 EDO C . -4.52 -10.96 6.07
C2 EDO C . -5.21 -8.82 5.20
O2 EDO C . -4.07 -8.16 5.77
C1 EDO D . 8.88 -35.87 8.65
O1 EDO D . 7.75 -36.60 9.14
C2 EDO D . 9.23 -36.35 7.24
O2 EDO D . 10.29 -35.55 6.71
C1 EDO E . -2.06 -4.95 11.15
O1 EDO E . -2.97 -4.75 10.06
C2 EDO E . -0.79 -4.15 10.92
O2 EDO E . -0.26 -4.50 9.64
C1 EDO F . -9.33 2.97 9.63
O1 EDO F . -10.04 2.27 10.67
C2 EDO F . -7.83 2.78 9.83
O2 EDO F . -7.37 3.55 10.93
#